data_4AU8
#
_entry.id   4AU8
#
_cell.length_a   83.271
_cell.length_b   83.271
_cell.length_c   191.766
_cell.angle_alpha   90.00
_cell.angle_beta   90.00
_cell.angle_gamma   90.00
#
_symmetry.space_group_name_H-M   'P 41 21 2'
#
loop_
_entity.id
_entity.type
_entity.pdbx_description
1 polymer 'CYCLIN-DEPENDENT KINASE 5'
2 non-polymer 'SULFATE ION'
3 non-polymer 4-(1,3-benzothiazol-2-yl)thiophene-2-sulfonamide
4 non-polymer IMIDAZOLE
5 water water
#
_entity_poly.entity_id   1
_entity_poly.type   'polypeptide(L)'
_entity_poly.pdbx_seq_one_letter_code
;GAMGSQKYEKLEKIGEGTYGTVFKAKNRETHEIVALKRVRLDDDDEGVPSSALREICLLKELKHKNIVRLHDVLHSDKKL
TLVFEFCDQDLKKYFDSCNGDLDPEIVKSFLFQLLKGLGFCHSRNVLHRDLKPQNLLINRNGELKLADFGLARAFGIPVR
CYSAEVVTLWYRPPDVLFGAKLYSTSIDMWSAGCIFAELANAGRPLFPGNDVDDQLKRIFRLLGTPTEEQWPSMTKLPDY
KPYPMYPATTSLVNVVPKLNATGRDLLQNLLKCNPVQRISAEEALQHPYFSDFCPP
;
_entity_poly.pdbx_strand_id   A,B
#
# COMPACT_ATOMS: atom_id res chain seq x y z
N GLY A 4 -29.97 -2.13 -10.19
CA GLY A 4 -28.64 -2.67 -9.91
C GLY A 4 -27.80 -2.94 -11.14
N SER A 5 -27.48 -4.21 -11.40
CA SER A 5 -26.66 -4.67 -12.53
C SER A 5 -27.36 -4.39 -13.88
N GLN A 6 -28.70 -4.66 -13.93
CA GLN A 6 -29.59 -4.45 -15.07
C GLN A 6 -29.86 -2.96 -15.36
N LYS A 7 -29.26 -2.05 -14.56
CA LYS A 7 -29.29 -0.61 -14.81
C LYS A 7 -28.38 -0.30 -16.03
N TYR A 8 -27.52 -1.23 -16.42
CA TYR A 8 -26.61 -1.01 -17.56
C TYR A 8 -26.92 -1.89 -18.77
N GLU A 9 -26.98 -1.29 -19.96
CA GLU A 9 -27.18 -2.04 -21.18
C GLU A 9 -25.78 -2.31 -21.76
N LYS A 10 -25.41 -3.58 -21.97
CA LYS A 10 -24.09 -3.92 -22.54
C LYS A 10 -24.12 -3.62 -24.02
N LEU A 11 -23.14 -2.84 -24.51
CA LEU A 11 -23.09 -2.40 -25.90
C LEU A 11 -22.19 -3.24 -26.79
N GLU A 12 -20.97 -3.55 -26.31
CA GLU A 12 -19.95 -4.38 -26.98
C GLU A 12 -18.81 -4.70 -26.05
N LYS A 13 -18.13 -5.83 -26.33
CA LYS A 13 -16.94 -6.29 -25.65
C LYS A 13 -15.79 -5.37 -26.13
N ILE A 14 -15.10 -4.69 -25.20
CA ILE A 14 -13.99 -3.80 -25.55
C ILE A 14 -12.64 -4.30 -25.06
N GLY A 15 -12.65 -5.24 -24.15
CA GLY A 15 -11.38 -5.73 -23.66
C GLY A 15 -11.40 -6.91 -22.73
N GLU A 16 -10.21 -7.22 -22.25
CA GLU A 16 -9.93 -8.26 -21.27
C GLU A 16 -8.98 -7.65 -20.26
N GLY A 17 -9.33 -7.78 -18.99
CA GLY A 17 -8.51 -7.34 -17.88
C GLY A 17 -7.77 -8.54 -17.30
N THR A 18 -7.15 -8.37 -16.13
CA THR A 18 -6.44 -9.46 -15.47
C THR A 18 -7.38 -10.49 -14.86
N TYR A 19 -8.70 -10.15 -14.72
CA TYR A 19 -9.68 -11.04 -14.10
C TYR A 19 -11.04 -11.20 -14.78
N GLY A 20 -11.16 -10.70 -16.00
CA GLY A 20 -12.41 -10.84 -16.75
C GLY A 20 -12.52 -10.00 -18.00
N THR A 21 -13.76 -9.78 -18.42
CA THR A 21 -14.14 -9.06 -19.63
C THR A 21 -14.56 -7.61 -19.37
N VAL A 22 -14.17 -6.70 -20.26
CA VAL A 22 -14.58 -5.29 -20.17
C VAL A 22 -15.58 -5.02 -21.29
N PHE A 23 -16.69 -4.34 -20.95
CA PHE A 23 -17.73 -3.97 -21.88
C PHE A 23 -17.91 -2.47 -21.96
N LYS A 24 -18.25 -1.99 -23.14
CA LYS A 24 -18.71 -0.63 -23.30
C LYS A 24 -20.19 -0.80 -22.91
N ALA A 25 -20.71 0.10 -22.06
CA ALA A 25 -22.10 0.00 -21.63
C ALA A 25 -22.75 1.37 -21.44
N LYS A 26 -24.08 1.39 -21.41
CA LYS A 26 -24.86 2.62 -21.25
C LYS A 26 -25.72 2.49 -20.02
N ASN A 27 -25.69 3.52 -19.14
CA ASN A 27 -26.53 3.60 -17.97
C ASN A 27 -27.95 3.81 -18.54
N ARG A 28 -28.90 2.94 -18.21
CA ARG A 28 -30.26 3.05 -18.77
C ARG A 28 -31.06 4.27 -18.31
N GLU A 29 -30.80 4.78 -17.10
CA GLU A 29 -31.48 5.95 -16.52
C GLU A 29 -30.92 7.26 -17.04
N THR A 30 -29.61 7.32 -17.33
CA THR A 30 -29.01 8.60 -17.69
C THR A 30 -28.40 8.62 -19.05
N HIS A 31 -28.23 7.43 -19.67
CA HIS A 31 -27.56 7.28 -20.95
C HIS A 31 -26.06 7.60 -20.94
N GLU A 32 -25.44 7.69 -19.75
CA GLU A 32 -24.00 7.91 -19.69
C GLU A 32 -23.33 6.65 -20.21
N ILE A 33 -22.28 6.80 -21.03
CA ILE A 33 -21.49 5.68 -21.53
C ILE A 33 -20.37 5.36 -20.50
N VAL A 34 -20.21 4.08 -20.16
CA VAL A 34 -19.20 3.65 -19.16
C VAL A 34 -18.45 2.44 -19.70
N ALA A 35 -17.35 2.04 -19.00
CA ALA A 35 -16.65 0.77 -19.27
C ALA A 35 -17.02 -0.07 -18.04
N LEU A 36 -17.49 -1.29 -18.28
CA LEU A 36 -18.00 -2.16 -17.23
C LEU A 36 -17.16 -3.42 -17.15
N LYS A 37 -16.72 -3.76 -15.94
CA LYS A 37 -15.97 -4.99 -15.69
C LYS A 37 -16.86 -5.84 -14.78
N ARG A 38 -17.24 -7.05 -15.23
CA ARG A 38 -18.09 -7.90 -14.39
C ARG A 38 -17.32 -9.14 -13.95
N VAL A 39 -17.54 -9.59 -12.70
CA VAL A 39 -16.86 -10.76 -12.14
C VAL A 39 -17.76 -11.61 -11.22
N PRO A 49 -12.85 -12.33 -6.19
CA PRO A 49 -11.44 -12.50 -6.57
C PRO A 49 -10.57 -11.37 -6.06
N SER A 50 -9.32 -11.71 -5.72
CA SER A 50 -8.28 -10.82 -5.21
C SER A 50 -7.98 -9.67 -6.16
N SER A 51 -8.01 -9.91 -7.50
CA SER A 51 -7.71 -8.87 -8.47
C SER A 51 -8.76 -7.75 -8.46
N ALA A 52 -10.06 -8.11 -8.32
CA ALA A 52 -11.15 -7.14 -8.29
C ALA A 52 -11.13 -6.38 -7.01
N LEU A 53 -10.98 -7.08 -5.88
CA LEU A 53 -10.90 -6.45 -4.58
C LEU A 53 -9.71 -5.50 -4.51
N ARG A 54 -8.55 -5.90 -5.04
CA ARG A 54 -7.39 -5.02 -5.01
C ARG A 54 -7.58 -3.78 -5.85
N GLU A 55 -8.20 -3.92 -7.01
CA GLU A 55 -8.43 -2.79 -7.90
C GLU A 55 -9.36 -1.75 -7.23
N ILE A 56 -10.39 -2.23 -6.53
CA ILE A 56 -11.33 -1.32 -5.83
C ILE A 56 -10.58 -0.61 -4.71
N CYS A 57 -9.82 -1.38 -3.89
CA CYS A 57 -9.06 -0.82 -2.77
C CYS A 57 -8.09 0.27 -3.21
N LEU A 58 -7.36 0.05 -4.33
CA LEU A 58 -6.41 1.03 -4.82
C LEU A 58 -7.06 2.21 -5.48
N LEU A 59 -8.00 1.94 -6.41
CA LEU A 59 -8.66 3.04 -7.12
C LEU A 59 -9.52 3.93 -6.27
N LYS A 60 -9.96 3.45 -5.09
CA LYS A 60 -10.68 4.35 -4.20
C LYS A 60 -9.77 5.39 -3.61
N GLU A 61 -8.44 5.10 -3.62
CA GLU A 61 -7.44 6.02 -3.08
C GLU A 61 -6.55 6.71 -4.13
N LEU A 62 -6.57 6.23 -5.36
CA LEU A 62 -5.73 6.81 -6.42
C LEU A 62 -6.56 7.60 -7.40
N LYS A 63 -6.72 8.91 -7.16
CA LYS A 63 -7.51 9.79 -8.02
C LYS A 63 -6.55 10.74 -8.67
N HIS A 64 -6.43 10.63 -9.98
CA HIS A 64 -5.55 11.45 -10.77
C HIS A 64 -6.07 11.49 -12.18
N LYS A 65 -5.90 12.62 -12.87
CA LYS A 65 -6.39 12.78 -14.25
C LYS A 65 -5.80 11.75 -15.25
N ASN A 66 -4.64 11.16 -14.91
CA ASN A 66 -4.02 10.13 -15.77
C ASN A 66 -4.22 8.72 -15.26
N ILE A 67 -5.20 8.55 -14.38
CA ILE A 67 -5.56 7.22 -13.84
C ILE A 67 -7.05 7.07 -14.12
N VAL A 68 -7.45 5.90 -14.65
CA VAL A 68 -8.86 5.63 -14.96
C VAL A 68 -9.71 5.83 -13.71
N ARG A 69 -10.86 6.43 -13.87
CA ARG A 69 -11.76 6.64 -12.74
C ARG A 69 -12.64 5.42 -12.54
N LEU A 70 -12.79 5.02 -11.27
CA LEU A 70 -13.71 3.97 -10.87
C LEU A 70 -14.94 4.72 -10.34
N HIS A 71 -16.05 4.72 -11.11
CA HIS A 71 -17.27 5.46 -10.74
C HIS A 71 -18.06 4.72 -9.70
N ASP A 72 -18.28 3.41 -9.90
CA ASP A 72 -19.17 2.71 -8.98
C ASP A 72 -18.89 1.25 -8.91
N VAL A 73 -19.39 0.61 -7.86
CA VAL A 73 -19.28 -0.82 -7.65
C VAL A 73 -20.72 -1.32 -7.39
N LEU A 74 -21.18 -2.32 -8.14
CA LEU A 74 -22.53 -2.90 -7.95
C LEU A 74 -22.33 -4.31 -7.44
N HIS A 75 -23.11 -4.72 -6.42
CA HIS A 75 -22.98 -6.06 -5.84
C HIS A 75 -24.09 -7.01 -6.26
N LYS A 79 -22.76 -11.61 -8.13
CA LYS A 79 -22.08 -10.86 -9.19
C LYS A 79 -21.50 -9.55 -8.69
N LEU A 80 -20.32 -9.17 -9.19
CA LEU A 80 -19.65 -7.92 -8.82
C LEU A 80 -19.41 -7.11 -10.09
N THR A 81 -19.93 -5.88 -10.15
CA THR A 81 -19.75 -5.05 -11.35
C THR A 81 -18.95 -3.79 -11.02
N LEU A 82 -17.86 -3.54 -11.77
CA LEU A 82 -17.05 -2.33 -11.59
C LEU A 82 -17.36 -1.40 -12.75
N VAL A 83 -17.79 -0.17 -12.42
CA VAL A 83 -18.18 0.83 -13.39
C VAL A 83 -17.08 1.85 -13.53
N PHE A 84 -16.43 1.87 -14.70
CA PHE A 84 -15.36 2.82 -15.01
C PHE A 84 -15.76 3.89 -16.02
N GLU A 85 -14.97 4.94 -16.03
CA GLU A 85 -14.89 6.00 -17.03
C GLU A 85 -14.71 5.30 -18.38
N PHE A 86 -15.38 5.81 -19.43
CA PHE A 86 -15.24 5.30 -20.78
C PHE A 86 -14.30 6.19 -21.64
N CYS A 87 -13.30 5.57 -22.26
CA CYS A 87 -12.39 6.21 -23.22
C CYS A 87 -12.63 5.47 -24.56
N ASP A 88 -12.65 6.16 -25.69
CA ASP A 88 -12.94 5.52 -26.99
C ASP A 88 -11.96 4.46 -27.47
N GLN A 89 -10.69 4.57 -27.05
CA GLN A 89 -9.66 3.63 -27.48
C GLN A 89 -8.69 3.29 -26.37
N ASP A 90 -7.99 2.15 -26.51
CA ASP A 90 -6.82 1.83 -25.70
C ASP A 90 -5.68 2.22 -26.64
N LEU A 91 -4.43 2.24 -26.17
CA LEU A 91 -3.30 2.63 -27.01
C LEU A 91 -3.07 1.67 -28.19
N LYS A 92 -3.39 0.38 -28.03
CA LYS A 92 -3.23 -0.59 -29.13
C LYS A 92 -4.14 -0.18 -30.29
N LYS A 93 -5.41 0.16 -29.99
CA LYS A 93 -6.40 0.58 -30.99
C LYS A 93 -5.98 1.89 -31.58
N TYR A 94 -5.43 2.80 -30.74
CA TYR A 94 -4.94 4.10 -31.18
C TYR A 94 -3.84 3.86 -32.21
N PHE A 95 -2.89 2.97 -31.89
CA PHE A 95 -1.80 2.67 -32.84
C PHE A 95 -2.34 2.13 -34.17
N ASP A 96 -3.32 1.19 -34.12
CA ASP A 96 -3.92 0.60 -35.32
C ASP A 96 -4.48 1.69 -36.23
N SER A 97 -5.20 2.66 -35.63
CA SER A 97 -5.81 3.78 -36.34
C SER A 97 -4.79 4.78 -36.90
N CYS A 98 -3.65 4.98 -36.22
N CYS A 98 -3.63 4.96 -36.24
CA CYS A 98 -2.59 5.88 -36.66
CA CYS A 98 -2.53 5.84 -36.69
C CYS A 98 -1.92 5.36 -37.93
C CYS A 98 -2.03 5.35 -38.00
N ASN A 99 -1.83 4.02 -38.08
CA ASN A 99 -1.33 3.32 -39.26
C ASN A 99 -0.03 3.93 -39.82
N GLY A 100 0.95 4.07 -38.94
CA GLY A 100 2.23 4.71 -39.29
C GLY A 100 2.62 5.73 -38.25
N ASP A 101 3.68 6.48 -38.53
CA ASP A 101 4.25 7.46 -37.58
C ASP A 101 3.26 8.32 -36.80
N LEU A 102 3.47 8.44 -35.50
CA LEU A 102 2.67 9.29 -34.67
C LEU A 102 3.38 10.62 -34.76
N ASP A 103 2.63 11.72 -34.66
CA ASP A 103 3.26 13.04 -34.61
C ASP A 103 4.20 13.09 -33.37
N PRO A 104 5.48 13.50 -33.52
CA PRO A 104 6.40 13.59 -32.35
C PRO A 104 5.83 14.32 -31.14
N GLU A 105 4.90 15.27 -31.34
CA GLU A 105 4.28 16.00 -30.23
C GLU A 105 3.29 15.14 -29.47
N ILE A 106 2.65 14.19 -30.18
CA ILE A 106 1.70 13.25 -29.56
C ILE A 106 2.50 12.24 -28.77
N VAL A 107 3.66 11.81 -29.31
CA VAL A 107 4.58 10.88 -28.66
C VAL A 107 4.95 11.47 -27.28
N LYS A 108 5.37 12.75 -27.27
CA LYS A 108 5.78 13.49 -26.08
C LYS A 108 4.64 13.62 -25.09
N SER A 109 3.46 14.06 -25.56
CA SER A 109 2.26 14.25 -24.72
C SER A 109 1.86 12.92 -24.05
N PHE A 110 1.79 11.82 -24.85
CA PHE A 110 1.41 10.50 -24.29
C PHE A 110 2.46 10.02 -23.29
N LEU A 111 3.77 10.19 -23.56
CA LEU A 111 4.75 9.79 -22.56
C LEU A 111 4.66 10.65 -21.28
N PHE A 112 4.50 11.97 -21.44
CA PHE A 112 4.37 12.91 -20.32
C PHE A 112 3.22 12.46 -19.38
N GLN A 113 2.05 12.20 -19.98
CA GLN A 113 0.85 11.77 -19.24
C GLN A 113 1.03 10.42 -18.56
N LEU A 114 1.67 9.45 -19.25
CA LEU A 114 1.95 8.14 -18.67
C LEU A 114 2.87 8.31 -17.41
N LEU A 115 3.94 9.11 -17.53
CA LEU A 115 4.87 9.36 -16.41
C LEU A 115 4.19 10.12 -15.26
N LYS A 116 3.24 11.01 -15.56
CA LYS A 116 2.48 11.75 -14.53
C LYS A 116 1.61 10.77 -13.73
N GLY A 117 0.95 9.85 -14.44
CA GLY A 117 0.11 8.82 -13.80
C GLY A 117 0.97 7.87 -12.98
N LEU A 118 2.07 7.39 -13.58
CA LEU A 118 3.02 6.51 -12.87
C LEU A 118 3.63 7.22 -11.67
N GLY A 119 4.03 8.49 -11.86
CA GLY A 119 4.63 9.31 -10.79
C GLY A 119 3.71 9.38 -9.58
N PHE A 120 2.42 9.58 -9.84
CA PHE A 120 1.38 9.68 -8.83
C PHE A 120 1.30 8.36 -8.06
N CYS A 121 1.28 7.22 -8.79
CA CYS A 121 1.20 5.89 -8.17
C CYS A 121 2.42 5.62 -7.30
N HIS A 122 3.60 5.82 -7.90
CA HIS A 122 4.85 5.53 -7.25
C HIS A 122 5.03 6.37 -6.00
N SER A 123 4.55 7.64 -6.01
CA SER A 123 4.70 8.51 -4.83
C SER A 123 3.81 7.99 -3.69
N ARG A 124 2.78 7.22 -4.02
CA ARG A 124 1.84 6.60 -3.08
C ARG A 124 2.17 5.12 -2.85
N ASN A 125 3.40 4.74 -3.21
CA ASN A 125 3.94 3.37 -3.00
C ASN A 125 3.16 2.30 -3.75
N VAL A 126 2.62 2.63 -4.93
CA VAL A 126 1.91 1.64 -5.71
C VAL A 126 2.69 1.34 -7.02
N LEU A 127 2.99 0.08 -7.32
CA LEU A 127 3.55 -0.25 -8.64
C LEU A 127 2.43 -0.91 -9.47
N HIS A 128 2.36 -0.58 -10.74
CA HIS A 128 1.30 -1.08 -11.61
C HIS A 128 1.53 -2.55 -11.96
N ARG A 129 2.76 -2.92 -12.40
CA ARG A 129 3.17 -4.30 -12.70
C ARG A 129 2.57 -4.88 -14.00
N ASP A 130 1.62 -4.18 -14.67
CA ASP A 130 1.00 -4.72 -15.90
C ASP A 130 0.92 -3.66 -17.01
N LEU A 131 1.96 -2.83 -17.11
CA LEU A 131 1.94 -1.74 -18.06
C LEU A 131 2.19 -2.21 -19.48
N LYS A 132 1.24 -1.98 -20.35
CA LYS A 132 1.29 -2.38 -21.77
C LYS A 132 0.24 -1.55 -22.52
N PRO A 133 0.32 -1.43 -23.87
CA PRO A 133 -0.64 -0.59 -24.61
C PRO A 133 -2.12 -0.88 -24.36
N GLN A 134 -2.52 -2.15 -24.18
CA GLN A 134 -3.92 -2.49 -23.90
C GLN A 134 -4.42 -1.93 -22.57
N ASN A 135 -3.49 -1.60 -21.64
CA ASN A 135 -3.83 -1.05 -20.33
C ASN A 135 -3.71 0.47 -20.25
N LEU A 136 -3.51 1.13 -21.38
CA LEU A 136 -3.43 2.59 -21.47
C LEU A 136 -4.62 3.05 -22.30
N LEU A 137 -5.43 3.93 -21.75
CA LEU A 137 -6.64 4.41 -22.41
C LEU A 137 -6.42 5.79 -22.99
N ILE A 138 -6.96 6.04 -24.19
CA ILE A 138 -6.79 7.32 -24.90
C ILE A 138 -8.17 7.84 -25.21
N ASN A 139 -8.55 8.97 -24.63
CA ASN A 139 -9.88 9.50 -24.93
C ASN A 139 -9.82 10.42 -26.18
N ARG A 140 -10.98 10.89 -26.67
CA ARG A 140 -10.99 11.73 -27.88
C ARG A 140 -10.27 13.10 -27.78
N ASN A 141 -10.03 13.58 -26.55
CA ASN A 141 -9.28 14.82 -26.29
C ASN A 141 -7.74 14.62 -26.18
N GLY A 142 -7.25 13.41 -26.48
CA GLY A 142 -5.81 13.13 -26.41
C GLY A 142 -5.29 12.93 -24.99
N GLU A 143 -6.18 12.63 -24.05
CA GLU A 143 -5.81 12.41 -22.65
C GLU A 143 -5.56 10.92 -22.44
N LEU A 144 -4.49 10.58 -21.73
CA LEU A 144 -4.12 9.18 -21.53
C LEU A 144 -4.42 8.77 -20.09
N LYS A 145 -4.94 7.53 -19.87
CA LYS A 145 -5.21 7.06 -18.51
C LYS A 145 -4.67 5.65 -18.33
N LEU A 146 -4.07 5.39 -17.14
CA LEU A 146 -3.59 4.05 -16.78
C LEU A 146 -4.81 3.27 -16.31
N ALA A 147 -4.92 2.02 -16.71
CA ALA A 147 -6.05 1.19 -16.28
C ALA A 147 -5.55 -0.18 -15.88
N ASP A 148 -6.45 -1.02 -15.32
CA ASP A 148 -6.16 -2.41 -14.95
C ASP A 148 -5.12 -2.56 -13.83
N PHE A 149 -5.56 -2.31 -12.58
CA PHE A 149 -4.72 -2.34 -11.39
C PHE A 149 -4.85 -3.68 -10.65
N GLY A 150 -5.35 -4.69 -11.36
CA GLY A 150 -5.54 -6.02 -10.77
C GLY A 150 -4.27 -6.75 -10.36
N LEU A 151 -3.11 -6.36 -10.90
CA LEU A 151 -1.86 -7.04 -10.51
C LEU A 151 -1.01 -6.10 -9.69
N ALA A 152 -1.50 -4.90 -9.43
CA ALA A 152 -0.69 -3.90 -8.74
C ALA A 152 -0.27 -4.30 -7.31
N ARG A 153 0.89 -3.81 -6.86
CA ARG A 153 1.38 -4.08 -5.50
C ARG A 153 1.50 -2.79 -4.75
N ALA A 154 1.14 -2.82 -3.47
CA ALA A 154 1.26 -1.66 -2.59
C ALA A 154 2.53 -1.95 -1.74
N PHE A 155 3.48 -1.00 -1.69
CA PHE A 155 4.77 -1.17 -0.94
C PHE A 155 5.62 -2.38 -1.44
N GLY A 156 5.39 -2.80 -2.69
CA GLY A 156 6.09 -3.95 -3.27
C GLY A 156 5.72 -5.30 -2.67
N ILE A 157 4.68 -5.34 -1.80
CA ILE A 157 4.26 -6.56 -1.12
C ILE A 157 3.47 -7.44 -2.11
N PRO A 158 3.88 -8.71 -2.31
CA PRO A 158 3.07 -9.61 -3.18
C PRO A 158 1.73 -9.86 -2.49
N VAL A 159 0.59 -9.72 -3.20
CA VAL A 159 -0.74 -9.87 -2.58
C VAL A 159 -1.07 -11.34 -2.30
N ARG A 160 -0.68 -12.24 -3.22
CA ARG A 160 -0.91 -13.68 -3.12
C ARG A 160 0.43 -14.37 -2.95
N SER A 163 1.74 -16.54 -6.74
CA SER A 163 1.16 -16.27 -8.06
C SER A 163 2.23 -16.07 -9.12
N ALA A 164 2.06 -16.74 -10.28
CA ALA A 164 2.98 -16.62 -11.41
C ALA A 164 2.59 -15.44 -12.32
N GLU A 165 1.40 -14.86 -12.09
CA GLU A 165 0.82 -13.74 -12.85
C GLU A 165 1.73 -12.52 -12.90
N VAL A 166 2.21 -12.19 -14.10
CA VAL A 166 3.11 -11.05 -14.35
C VAL A 166 2.75 -10.43 -15.71
N VAL A 167 3.32 -9.23 -16.01
CA VAL A 167 3.08 -8.53 -17.27
C VAL A 167 3.48 -9.45 -18.43
N THR A 168 2.75 -9.31 -19.55
CA THR A 168 3.01 -10.07 -20.77
C THR A 168 4.50 -9.92 -21.12
N LEU A 169 5.05 -10.95 -21.75
CA LEU A 169 6.46 -11.07 -22.10
C LEU A 169 7.19 -9.83 -22.58
N TRP A 170 6.63 -9.12 -23.58
CA TRP A 170 7.34 -8.02 -24.26
C TRP A 170 7.71 -6.84 -23.39
N TYR A 171 7.02 -6.67 -22.25
CA TYR A 171 7.22 -5.53 -21.34
C TYR A 171 7.91 -5.93 -20.04
N ARG A 172 8.37 -7.20 -19.96
CA ARG A 172 9.03 -7.73 -18.78
C ARG A 172 10.47 -7.31 -18.73
N PRO A 173 10.92 -6.81 -17.57
CA PRO A 173 12.34 -6.39 -17.46
C PRO A 173 13.28 -7.55 -17.28
N PRO A 174 14.59 -7.33 -17.51
CA PRO A 174 15.56 -8.44 -17.36
C PRO A 174 15.58 -9.12 -15.98
N ASP A 175 15.37 -8.34 -14.89
CA ASP A 175 15.38 -8.94 -13.54
C ASP A 175 14.25 -9.94 -13.38
N VAL A 176 13.06 -9.60 -13.89
CA VAL A 176 11.85 -10.43 -13.87
C VAL A 176 12.02 -11.63 -14.80
N LEU A 177 12.68 -11.42 -15.97
CA LEU A 177 12.97 -12.51 -16.91
C LEU A 177 13.94 -13.50 -16.31
N PHE A 178 14.84 -13.02 -15.44
CA PHE A 178 15.78 -13.83 -14.66
C PHE A 178 15.17 -14.38 -13.36
N GLY A 179 13.87 -14.19 -13.16
CA GLY A 179 13.14 -14.76 -12.05
C GLY A 179 13.01 -13.99 -10.75
N ALA A 180 13.31 -12.68 -10.73
CA ALA A 180 13.17 -11.86 -9.52
C ALA A 180 11.69 -11.87 -9.13
N LYS A 181 11.39 -12.17 -7.86
CA LYS A 181 10.00 -12.20 -7.38
C LYS A 181 9.60 -10.88 -6.75
N LEU A 182 10.60 -10.09 -6.34
CA LEU A 182 10.42 -8.79 -5.72
C LEU A 182 11.10 -7.72 -6.56
N TYR A 183 10.48 -6.54 -6.59
CA TYR A 183 11.00 -5.41 -7.34
C TYR A 183 10.30 -4.17 -6.84
N SER A 184 10.91 -3.03 -7.11
CA SER A 184 10.41 -1.72 -6.76
C SER A 184 9.60 -1.21 -7.97
N THR A 185 9.29 0.09 -7.98
CA THR A 185 8.57 0.79 -9.06
C THR A 185 9.40 0.78 -10.35
N SER A 186 10.69 0.35 -10.27
CA SER A 186 11.62 0.13 -11.40
C SER A 186 10.98 -0.77 -12.47
N ILE A 187 10.13 -1.74 -12.06
CA ILE A 187 9.42 -2.63 -13.02
C ILE A 187 8.60 -1.78 -14.02
N ASP A 188 7.86 -0.77 -13.53
CA ASP A 188 7.03 0.09 -14.38
C ASP A 188 7.88 1.00 -15.25
N MET A 189 9.07 1.42 -14.78
CA MET A 189 9.91 2.31 -15.60
C MET A 189 10.47 1.57 -16.82
N TRP A 190 10.74 0.28 -16.70
CA TRP A 190 11.20 -0.52 -17.85
C TRP A 190 10.07 -0.60 -18.86
N SER A 191 8.85 -0.97 -18.41
CA SER A 191 7.67 -1.02 -19.29
C SER A 191 7.41 0.33 -19.94
N ALA A 192 7.60 1.45 -19.19
CA ALA A 192 7.41 2.80 -19.75
C ALA A 192 8.39 3.09 -20.91
N GLY A 193 9.65 2.66 -20.76
CA GLY A 193 10.68 2.74 -21.81
C GLY A 193 10.27 1.93 -23.03
N CYS A 194 9.70 0.71 -22.83
CA CYS A 194 9.24 -0.13 -23.98
C CYS A 194 8.11 0.56 -24.73
N ILE A 195 7.18 1.16 -23.99
CA ILE A 195 6.04 1.86 -24.55
C ILE A 195 6.48 3.14 -25.23
N PHE A 196 7.48 3.85 -24.65
CA PHE A 196 8.05 5.07 -25.28
C PHE A 196 8.61 4.71 -26.69
N ALA A 197 9.36 3.60 -26.81
CA ALA A 197 9.93 3.16 -28.11
C ALA A 197 8.83 2.81 -29.09
N GLU A 198 7.73 2.23 -28.55
CA GLU A 198 6.57 1.85 -29.33
C GLU A 198 5.86 3.08 -29.85
N LEU A 199 5.70 4.14 -28.97
CA LEU A 199 5.10 5.42 -29.35
C LEU A 199 5.91 6.05 -30.46
N ALA A 200 7.22 6.09 -30.30
CA ALA A 200 8.13 6.71 -31.26
C ALA A 200 8.21 5.92 -32.58
N ASN A 201 7.84 4.63 -32.54
CA ASN A 201 7.87 3.74 -33.71
C ASN A 201 6.54 3.37 -34.27
N ALA A 202 5.53 4.25 -34.19
CA ALA A 202 4.20 3.99 -34.80
C ALA A 202 3.48 2.70 -34.29
N GLY A 203 3.79 2.27 -33.08
CA GLY A 203 3.18 1.07 -32.52
C GLY A 203 3.95 -0.21 -32.67
N ARG A 204 5.16 -0.15 -33.25
CA ARG A 204 6.00 -1.32 -33.41
C ARG A 204 6.65 -1.66 -32.06
N PRO A 205 6.51 -2.89 -31.53
CA PRO A 205 7.12 -3.23 -30.22
C PRO A 205 8.64 -3.24 -30.29
N LEU A 206 9.28 -2.88 -29.17
CA LEU A 206 10.73 -2.83 -29.15
C LEU A 206 11.36 -4.20 -29.04
N PHE A 207 10.86 -5.02 -28.11
CA PHE A 207 11.41 -6.35 -27.85
C PHE A 207 10.31 -7.39 -28.00
N PRO A 208 9.95 -7.79 -29.23
CA PRO A 208 8.87 -8.77 -29.39
C PRO A 208 9.37 -10.23 -29.33
N GLY A 209 9.86 -10.64 -28.17
CA GLY A 209 10.42 -11.98 -27.94
C GLY A 209 9.41 -13.10 -28.07
N ASN A 210 9.88 -14.31 -28.44
CA ASN A 210 9.08 -15.53 -28.64
C ASN A 210 8.83 -16.29 -27.35
N ASP A 211 9.77 -16.16 -26.42
CA ASP A 211 9.76 -16.83 -25.11
C ASP A 211 10.78 -16.12 -24.24
N VAL A 212 10.96 -16.57 -22.98
CA VAL A 212 11.88 -15.91 -22.04
C VAL A 212 13.31 -15.76 -22.60
N ASP A 213 13.88 -16.86 -23.13
CA ASP A 213 15.23 -16.88 -23.67
C ASP A 213 15.39 -15.91 -24.84
N ASP A 214 14.41 -15.90 -25.76
CA ASP A 214 14.43 -14.98 -26.91
C ASP A 214 14.26 -13.54 -26.44
N GLN A 215 13.47 -13.32 -25.37
CA GLN A 215 13.25 -11.97 -24.83
C GLN A 215 14.56 -11.37 -24.30
N LEU A 216 15.31 -12.14 -23.54
CA LEU A 216 16.60 -11.76 -22.96
C LEU A 216 17.61 -11.53 -24.06
N LYS A 217 17.59 -12.38 -25.11
CA LYS A 217 18.49 -12.21 -26.25
C LYS A 217 18.20 -10.95 -26.99
N ARG A 218 16.91 -10.60 -27.22
CA ARG A 218 16.61 -9.34 -27.95
C ARG A 218 17.03 -8.09 -27.12
N ILE A 219 16.81 -8.16 -25.80
CA ILE A 219 17.15 -7.05 -24.92
C ILE A 219 18.68 -6.85 -24.92
N PHE A 220 19.44 -7.92 -24.67
CA PHE A 220 20.91 -7.84 -24.61
C PHE A 220 21.57 -7.53 -25.94
N ARG A 221 20.96 -7.97 -27.07
CA ARG A 221 21.54 -7.63 -28.38
C ARG A 221 21.42 -6.14 -28.66
N LEU A 222 20.38 -5.50 -28.12
CA LEU A 222 20.26 -4.06 -28.32
C LEU A 222 21.07 -3.26 -27.29
N LEU A 223 20.86 -3.53 -26.00
CA LEU A 223 21.48 -2.74 -24.94
C LEU A 223 22.85 -3.18 -24.51
N GLY A 224 23.20 -4.41 -24.85
CA GLY A 224 24.45 -5.03 -24.44
C GLY A 224 24.16 -5.90 -23.22
N THR A 225 24.87 -7.02 -23.08
CA THR A 225 24.68 -7.91 -21.94
C THR A 225 25.33 -7.22 -20.73
N PRO A 226 24.61 -7.03 -19.61
CA PRO A 226 25.23 -6.34 -18.45
C PRO A 226 26.47 -7.05 -17.89
N THR A 227 27.48 -6.25 -17.56
CA THR A 227 28.73 -6.76 -16.97
C THR A 227 28.56 -6.93 -15.46
N GLU A 228 29.55 -7.59 -14.79
CA GLU A 228 29.54 -7.75 -13.33
C GLU A 228 29.57 -6.35 -12.68
N GLU A 229 30.32 -5.41 -13.27
CA GLU A 229 30.45 -4.03 -12.81
C GLU A 229 29.12 -3.26 -12.85
N GLN A 230 28.33 -3.43 -13.94
CA GLN A 230 27.03 -2.76 -14.10
C GLN A 230 25.95 -3.36 -13.22
N TRP A 231 25.99 -4.68 -13.00
CA TRP A 231 24.98 -5.39 -12.26
C TRP A 231 25.57 -6.56 -11.46
N PRO A 232 26.23 -6.26 -10.30
CA PRO A 232 26.83 -7.34 -9.48
C PRO A 232 25.92 -8.49 -9.04
N SER A 233 24.67 -8.20 -8.68
CA SER A 233 23.74 -9.24 -8.22
C SER A 233 23.07 -10.06 -9.34
N MET A 234 23.26 -9.69 -10.63
CA MET A 234 22.63 -10.41 -11.75
C MET A 234 22.78 -11.94 -11.68
N THR A 235 23.98 -12.40 -11.29
CA THR A 235 24.31 -13.83 -11.21
C THR A 235 23.55 -14.62 -10.13
N LYS A 236 22.95 -13.93 -9.15
CA LYS A 236 22.23 -14.56 -8.03
C LYS A 236 20.74 -14.80 -8.26
N LEU A 237 20.18 -14.25 -9.34
CA LEU A 237 18.75 -14.34 -9.65
C LEU A 237 18.23 -15.78 -9.79
N PRO A 238 17.01 -16.11 -9.31
CA PRO A 238 16.54 -17.50 -9.35
C PRO A 238 16.69 -18.28 -10.66
N ASP A 239 16.50 -17.61 -11.80
CA ASP A 239 16.58 -18.22 -13.14
C ASP A 239 17.69 -17.59 -13.97
N TYR A 240 18.80 -17.17 -13.32
CA TYR A 240 19.92 -16.59 -14.06
C TYR A 240 20.56 -17.65 -14.97
N LYS A 241 21.00 -17.20 -16.15
CA LYS A 241 21.68 -18.02 -17.16
C LYS A 241 22.72 -17.10 -17.80
N PRO A 242 23.98 -17.56 -17.94
CA PRO A 242 24.98 -16.69 -18.58
C PRO A 242 24.72 -16.58 -20.09
N TYR A 243 24.61 -15.34 -20.57
CA TYR A 243 24.33 -15.08 -22.00
C TYR A 243 25.62 -14.63 -22.67
N PRO A 244 25.74 -14.78 -24.03
CA PRO A 244 26.90 -14.23 -24.71
C PRO A 244 27.01 -12.74 -24.40
N MET A 245 28.23 -12.22 -24.34
CA MET A 245 28.47 -10.83 -23.99
C MET A 245 28.31 -9.95 -25.20
N TYR A 246 27.04 -9.66 -25.59
CA TYR A 246 26.76 -8.81 -26.74
C TYR A 246 27.19 -7.38 -26.44
N PRO A 247 27.74 -6.63 -27.41
CA PRO A 247 28.14 -5.25 -27.11
C PRO A 247 26.96 -4.29 -27.05
N ALA A 248 27.11 -3.17 -26.33
CA ALA A 248 26.05 -2.16 -26.27
C ALA A 248 26.03 -1.47 -27.63
N THR A 249 24.86 -1.49 -28.32
CA THR A 249 24.66 -0.81 -29.60
C THR A 249 25.02 0.67 -29.41
N THR A 250 25.82 1.23 -30.33
CA THR A 250 26.31 2.62 -30.31
C THR A 250 25.24 3.67 -30.04
N SER A 251 24.10 3.57 -30.74
CA SER A 251 22.99 4.51 -30.64
C SER A 251 21.64 3.84 -30.86
N LEU A 252 20.58 4.42 -30.28
CA LEU A 252 19.21 3.94 -30.45
C LEU A 252 18.56 4.53 -31.71
N VAL A 253 19.32 5.33 -32.49
CA VAL A 253 18.87 5.95 -33.74
C VAL A 253 18.31 4.94 -34.75
N ASN A 254 18.87 3.72 -34.78
CA ASN A 254 18.42 2.63 -35.64
C ASN A 254 17.03 2.08 -35.22
N VAL A 255 16.78 1.95 -33.90
CA VAL A 255 15.51 1.40 -33.40
C VAL A 255 14.39 2.42 -33.27
N VAL A 256 14.74 3.71 -33.05
CA VAL A 256 13.75 4.80 -32.94
C VAL A 256 14.18 5.97 -33.88
N PRO A 257 14.08 5.80 -35.23
CA PRO A 257 14.59 6.85 -36.14
C PRO A 257 13.94 8.22 -36.02
N LYS A 258 12.66 8.27 -35.66
CA LYS A 258 11.89 9.50 -35.56
C LYS A 258 12.05 10.19 -34.20
N LEU A 259 12.78 9.59 -33.26
CA LEU A 259 12.96 10.18 -31.93
C LEU A 259 14.27 10.96 -31.87
N ASN A 260 14.21 12.27 -31.51
CA ASN A 260 15.38 13.14 -31.40
C ASN A 260 16.39 12.62 -30.33
N ALA A 261 17.61 13.20 -30.32
CA ALA A 261 18.69 12.81 -29.41
C ALA A 261 18.32 12.94 -27.92
N THR A 262 17.52 13.97 -27.53
CA THR A 262 17.13 14.13 -26.12
C THR A 262 16.13 13.04 -25.73
N GLY A 263 15.27 12.68 -26.69
CA GLY A 263 14.29 11.61 -26.57
C GLY A 263 15.01 10.30 -26.38
N ARG A 264 16.03 10.02 -27.22
CA ARG A 264 16.82 8.78 -27.12
C ARG A 264 17.57 8.69 -25.81
N ASP A 265 18.00 9.86 -25.27
CA ASP A 265 18.71 9.86 -24.00
C ASP A 265 17.76 9.45 -22.87
N LEU A 266 16.53 9.96 -22.92
CA LEU A 266 15.52 9.60 -21.93
C LEU A 266 15.22 8.07 -22.01
N LEU A 267 15.03 7.57 -23.25
CA LEU A 267 14.79 6.16 -23.55
C LEU A 267 15.88 5.26 -22.96
N GLN A 268 17.18 5.63 -23.15
CA GLN A 268 18.31 4.88 -22.59
C GLN A 268 18.24 4.81 -21.06
N ASN A 269 17.82 5.91 -20.40
CA ASN A 269 17.74 5.99 -18.94
C ASN A 269 16.58 5.19 -18.34
N LEU A 270 15.54 4.95 -19.15
CA LEU A 270 14.40 4.13 -18.76
C LEU A 270 14.79 2.66 -18.92
N LEU A 271 15.47 2.35 -20.04
CA LEU A 271 15.89 0.98 -20.37
C LEU A 271 17.23 0.56 -19.83
N LYS A 272 17.43 0.65 -18.51
CA LYS A 272 18.66 0.10 -17.89
C LYS A 272 18.29 -1.30 -17.45
N CYS A 273 19.12 -2.31 -17.78
CA CYS A 273 18.79 -3.68 -17.39
C CYS A 273 18.78 -3.84 -15.86
N ASN A 274 19.76 -3.24 -15.19
CA ASN A 274 19.86 -3.32 -13.72
C ASN A 274 18.73 -2.45 -13.17
N PRO A 275 17.74 -3.03 -12.42
CA PRO A 275 16.60 -2.23 -11.95
C PRO A 275 16.93 -0.96 -11.16
N VAL A 276 17.99 -1.01 -10.34
CA VAL A 276 18.40 0.17 -9.56
C VAL A 276 18.83 1.36 -10.38
N GLN A 277 19.30 1.14 -11.64
CA GLN A 277 19.80 2.22 -12.49
C GLN A 277 18.75 2.94 -13.32
N ARG A 278 17.53 2.37 -13.40
CA ARG A 278 16.44 2.99 -14.18
C ARG A 278 15.99 4.28 -13.53
N ILE A 279 15.83 5.33 -14.35
CA ILE A 279 15.37 6.65 -13.93
C ILE A 279 13.96 6.53 -13.32
N SER A 280 13.63 7.36 -12.32
CA SER A 280 12.32 7.32 -11.69
C SER A 280 11.35 8.14 -12.57
N ALA A 281 10.03 8.00 -12.36
CA ALA A 281 9.04 8.78 -13.09
C ALA A 281 9.23 10.30 -12.81
N GLU A 282 9.53 10.66 -11.57
CA GLU A 282 9.73 12.06 -11.21
C GLU A 282 10.94 12.67 -11.97
N GLU A 283 12.07 11.94 -12.02
CA GLU A 283 13.30 12.36 -12.72
C GLU A 283 13.08 12.43 -14.23
N ALA A 284 12.35 11.43 -14.80
CA ALA A 284 12.02 11.41 -16.24
C ALA A 284 11.21 12.67 -16.63
N LEU A 285 10.24 13.10 -15.78
CA LEU A 285 9.45 14.30 -16.06
C LEU A 285 10.32 15.59 -16.06
N GLN A 286 11.46 15.56 -15.36
CA GLN A 286 12.40 16.69 -15.30
C GLN A 286 13.45 16.65 -16.45
N HIS A 287 13.44 15.57 -17.25
CA HIS A 287 14.39 15.38 -18.35
C HIS A 287 14.27 16.48 -19.42
N PRO A 288 15.40 16.93 -20.03
CA PRO A 288 15.32 17.95 -21.11
C PRO A 288 14.35 17.61 -22.26
N TYR A 289 14.01 16.30 -22.45
CA TYR A 289 13.05 15.89 -23.49
C TYR A 289 11.75 16.68 -23.40
N PHE A 290 11.27 16.96 -22.17
CA PHE A 290 10.06 17.70 -21.90
C PHE A 290 10.28 19.23 -21.70
N SER A 291 11.47 19.77 -22.11
CA SER A 291 11.80 21.21 -21.96
C SER A 291 10.70 22.17 -22.44
N ASP A 292 10.32 22.08 -23.72
CA ASP A 292 9.29 22.95 -24.33
C ASP A 292 7.88 22.35 -24.21
N PHE A 293 7.56 21.83 -23.01
CA PHE A 293 6.29 21.18 -22.69
C PHE A 293 5.90 21.52 -21.26
N GLN B 6 25.08 -14.33 13.86
CA GLN B 6 26.20 -14.29 14.81
C GLN B 6 26.88 -12.90 14.97
N LYS B 7 26.45 -11.90 14.19
CA LYS B 7 26.91 -10.51 14.28
C LYS B 7 26.28 -9.89 15.57
N TYR B 8 25.12 -10.40 15.98
CA TYR B 8 24.36 -9.94 17.14
C TYR B 8 24.28 -10.96 18.25
N GLU B 9 24.58 -10.53 19.49
CA GLU B 9 24.48 -11.37 20.71
C GLU B 9 23.11 -11.10 21.36
N LYS B 10 22.25 -12.14 21.47
CA LYS B 10 20.93 -12.02 22.11
C LYS B 10 21.17 -11.86 23.60
N LEU B 11 20.56 -10.84 24.22
CA LEU B 11 20.76 -10.54 25.64
C LEU B 11 19.64 -11.05 26.53
N GLU B 12 18.37 -10.94 26.06
CA GLU B 12 17.16 -11.39 26.74
C GLU B 12 15.94 -11.22 25.84
N LYS B 13 14.87 -11.99 26.12
CA LYS B 13 13.58 -11.89 25.46
C LYS B 13 12.91 -10.60 26.02
N ILE B 14 12.40 -9.73 25.13
CA ILE B 14 11.73 -8.50 25.58
C ILE B 14 10.24 -8.44 25.24
N GLY B 15 9.83 -9.29 24.32
CA GLY B 15 8.44 -9.33 23.90
C GLY B 15 8.12 -10.38 22.86
N GLU B 16 6.87 -10.34 22.42
CA GLU B 16 6.31 -11.22 21.42
C GLU B 16 5.70 -10.33 20.34
N GLY B 17 6.16 -10.51 19.12
CA GLY B 17 5.62 -9.78 17.98
C GLY B 17 4.44 -10.55 17.43
N THR B 18 4.00 -10.22 16.21
CA THR B 18 2.88 -10.92 15.60
C THR B 18 3.35 -12.23 14.95
N TYR B 19 4.68 -12.39 14.75
CA TYR B 19 5.23 -13.58 14.10
C TYR B 19 6.44 -14.22 14.79
N GLY B 20 6.72 -13.80 16.01
CA GLY B 20 7.83 -14.37 16.76
C GLY B 20 8.25 -13.58 17.98
N THR B 21 9.36 -14.00 18.56
CA THR B 21 9.93 -13.38 19.74
C THR B 21 10.76 -12.16 19.37
N VAL B 22 10.76 -11.14 20.25
CA VAL B 22 11.61 -9.96 20.09
C VAL B 22 12.69 -10.06 21.22
N PHE B 23 13.93 -9.85 20.86
CA PHE B 23 15.04 -9.89 21.81
C PHE B 23 15.74 -8.57 21.91
N LYS B 24 16.30 -8.29 23.09
CA LYS B 24 17.22 -7.20 23.29
C LYS B 24 18.51 -7.84 22.84
N ALA B 25 19.33 -7.15 22.06
CA ALA B 25 20.56 -7.70 21.53
C ALA B 25 21.62 -6.66 21.39
N LYS B 26 22.85 -7.10 21.18
CA LYS B 26 24.02 -6.26 21.08
C LYS B 26 24.83 -6.58 19.82
N ASN B 27 25.16 -5.53 19.04
CA ASN B 27 26.02 -5.70 17.87
C ASN B 27 27.42 -6.04 18.46
N ARG B 28 27.97 -7.21 18.12
CA ARG B 28 29.25 -7.61 18.69
C ARG B 28 30.44 -6.73 18.31
N GLU B 29 30.39 -6.12 17.12
CA GLU B 29 31.47 -5.25 16.62
C GLU B 29 31.43 -3.86 17.21
N THR B 30 30.21 -3.33 17.51
CA THR B 30 30.09 -1.93 17.93
C THR B 30 29.51 -1.76 19.28
N HIS B 31 28.88 -2.84 19.81
CA HIS B 31 28.21 -2.82 21.09
C HIS B 31 26.95 -2.00 21.12
N GLU B 32 26.43 -1.58 19.95
CA GLU B 32 25.15 -0.87 19.92
C GLU B 32 24.04 -1.82 20.39
N ILE B 33 23.13 -1.34 21.26
CA ILE B 33 22.02 -2.13 21.73
C ILE B 33 20.87 -1.97 20.73
N VAL B 34 20.24 -3.10 20.34
CA VAL B 34 19.13 -3.12 19.36
C VAL B 34 18.00 -4.02 19.88
N ALA B 35 16.85 -4.00 19.18
CA ALA B 35 15.74 -4.93 19.38
C ALA B 35 15.86 -5.79 18.14
N LEU B 36 15.71 -7.09 18.29
CA LEU B 36 15.95 -8.02 17.22
C LEU B 36 14.83 -9.04 17.06
N LYS B 37 14.47 -9.35 15.79
CA LYS B 37 13.52 -10.42 15.45
C LYS B 37 14.31 -11.38 14.53
N ARG B 38 14.23 -12.69 14.77
CA ARG B 38 14.92 -13.68 13.96
C ARG B 38 13.89 -14.68 13.40
N VAL B 39 13.86 -14.83 12.07
CA VAL B 39 12.91 -15.68 11.35
C VAL B 39 13.64 -16.77 10.56
N ARG B 40 13.17 -18.02 10.68
CA ARG B 40 13.70 -19.14 9.87
C ARG B 40 12.98 -19.06 8.52
N LEU B 41 13.74 -19.03 7.41
CA LEU B 41 13.17 -18.93 6.06
C LEU B 41 12.78 -20.31 5.51
N GLU B 46 4.11 -20.69 7.04
CA GLU B 46 4.40 -19.84 5.89
C GLU B 46 4.12 -18.37 6.21
N GLY B 47 3.20 -18.13 7.15
CA GLY B 47 2.81 -16.79 7.58
C GLY B 47 3.89 -16.01 8.32
N VAL B 48 4.92 -16.72 8.83
CA VAL B 48 6.05 -16.12 9.57
C VAL B 48 6.98 -15.32 8.65
N PRO B 49 7.68 -15.92 7.62
CA PRO B 49 8.52 -15.08 6.75
C PRO B 49 7.70 -14.09 5.92
N SER B 50 6.40 -14.39 5.69
CA SER B 50 5.51 -13.46 4.96
C SER B 50 5.22 -12.23 5.80
N SER B 51 5.00 -12.40 7.13
CA SER B 51 4.76 -11.26 8.03
C SER B 51 6.03 -10.41 8.16
N ALA B 52 7.21 -11.07 8.15
CA ALA B 52 8.53 -10.41 8.20
C ALA B 52 8.72 -9.58 6.92
N LEU B 53 8.39 -10.15 5.74
CA LEU B 53 8.50 -9.45 4.47
C LEU B 53 7.60 -8.17 4.47
N ARG B 54 6.36 -8.31 4.94
CA ARG B 54 5.40 -7.22 5.06
C ARG B 54 5.97 -6.13 5.94
N GLU B 55 6.50 -6.49 7.12
CA GLU B 55 7.10 -5.50 8.02
C GLU B 55 8.25 -4.76 7.37
N ILE B 56 9.15 -5.48 6.67
CA ILE B 56 10.29 -4.82 5.98
C ILE B 56 9.77 -3.85 4.89
N CYS B 57 8.84 -4.32 4.06
CA CYS B 57 8.29 -3.50 2.96
C CYS B 57 7.70 -2.21 3.43
N LEU B 58 6.91 -2.27 4.50
CA LEU B 58 6.25 -1.09 5.06
C LEU B 58 7.23 -0.19 5.77
N LEU B 59 8.08 -0.76 6.66
CA LEU B 59 9.03 0.07 7.43
C LEU B 59 10.13 0.73 6.61
N LYS B 60 10.44 0.17 5.44
CA LYS B 60 11.42 0.83 4.58
C LYS B 60 10.84 2.17 4.00
N GLU B 61 9.50 2.29 4.03
CA GLU B 61 8.84 3.50 3.55
C GLU B 61 8.29 4.36 4.67
N LEU B 62 7.96 3.77 5.81
CA LEU B 62 7.37 4.55 6.90
C LEU B 62 8.40 5.08 7.89
N LYS B 63 9.01 6.24 7.59
CA LYS B 63 10.01 6.86 8.49
C LYS B 63 9.39 8.06 9.16
N HIS B 64 9.24 8.00 10.48
CA HIS B 64 8.61 9.07 11.26
C HIS B 64 9.06 8.90 12.72
N LYS B 65 9.21 10.01 13.42
CA LYS B 65 9.67 10.05 14.82
C LYS B 65 8.83 9.18 15.77
N ASN B 66 7.56 8.93 15.45
CA ASN B 66 6.70 8.10 16.30
C ASN B 66 6.48 6.70 15.77
N ILE B 67 7.38 6.21 14.91
CA ILE B 67 7.30 4.87 14.31
C ILE B 67 8.65 4.23 14.57
N VAL B 68 8.65 3.00 15.11
CA VAL B 68 9.92 2.30 15.37
C VAL B 68 10.76 2.22 14.08
N ARG B 69 12.08 2.41 14.21
CA ARG B 69 12.96 2.31 13.06
C ARG B 69 13.45 0.90 12.87
N LEU B 70 13.45 0.46 11.62
CA LEU B 70 14.05 -0.81 11.22
C LEU B 70 15.40 -0.38 10.68
N HIS B 71 16.49 -0.70 11.39
CA HIS B 71 17.84 -0.27 11.02
C HIS B 71 18.43 -1.10 9.93
N ASP B 72 18.32 -2.43 10.06
CA ASP B 72 18.96 -3.33 9.12
C ASP B 72 18.24 -4.62 9.01
N VAL B 73 18.51 -5.34 7.94
CA VAL B 73 17.98 -6.68 7.68
C VAL B 73 19.20 -7.56 7.29
N LEU B 74 19.37 -8.72 7.95
CA LEU B 74 20.47 -9.62 7.62
C LEU B 74 19.87 -10.95 7.18
N HIS B 75 20.50 -11.61 6.21
CA HIS B 75 20.03 -12.92 5.77
C HIS B 75 21.12 -13.89 5.47
N SER B 76 20.94 -15.14 5.93
CA SER B 76 21.89 -16.24 5.75
C SER B 76 21.29 -17.42 4.98
N LYS B 78 19.39 -19.85 5.67
CA LYS B 78 19.20 -20.32 7.03
C LYS B 78 18.16 -19.45 7.78
N LYS B 79 18.47 -18.15 7.97
CA LYS B 79 17.63 -17.21 8.71
C LYS B 79 17.58 -15.79 8.15
N LEU B 80 16.61 -15.00 8.66
CA LEU B 80 16.39 -13.61 8.36
C LEU B 80 16.39 -12.88 9.70
N THR B 81 17.21 -11.83 9.84
CA THR B 81 17.32 -11.10 11.09
C THR B 81 16.88 -9.68 10.87
N LEU B 82 15.92 -9.19 11.67
CA LEU B 82 15.44 -7.81 11.57
C LEU B 82 16.01 -7.07 12.78
N VAL B 83 16.73 -5.99 12.51
CA VAL B 83 17.37 -5.16 13.53
C VAL B 83 16.62 -3.83 13.68
N PHE B 84 15.99 -3.63 14.84
CA PHE B 84 15.22 -2.42 15.14
C PHE B 84 15.90 -1.55 16.19
N GLU B 85 15.43 -0.30 16.30
CA GLU B 85 15.90 0.57 17.36
C GLU B 85 15.43 -0.02 18.70
N PHE B 86 16.22 0.18 19.74
CA PHE B 86 15.90 -0.32 21.08
C PHE B 86 15.29 0.80 21.90
N CYS B 87 14.11 0.54 22.42
CA CYS B 87 13.40 1.46 23.30
C CYS B 87 13.34 0.82 24.66
N ASP B 88 13.50 1.62 25.71
CA ASP B 88 13.59 1.18 27.10
C ASP B 88 12.41 0.33 27.57
N GLN B 89 11.18 0.73 27.25
CA GLN B 89 10.01 -0.02 27.69
C GLN B 89 8.95 -0.06 26.63
N ASP B 90 7.94 -0.92 26.85
CA ASP B 90 6.72 -0.89 26.08
C ASP B 90 5.71 -0.21 27.01
N LEU B 91 4.58 0.27 26.49
CA LEU B 91 3.60 0.98 27.32
C LEU B 91 3.06 0.13 28.50
N LYS B 92 2.93 -1.19 28.32
CA LYS B 92 2.50 -2.08 29.43
C LYS B 92 3.49 -1.98 30.60
N LYS B 93 4.82 -2.10 30.34
CA LYS B 93 5.86 -1.99 31.36
C LYS B 93 5.90 -0.58 31.98
N TYR B 94 5.62 0.45 31.16
CA TYR B 94 5.58 1.82 31.63
C TYR B 94 4.49 1.96 32.69
N PHE B 95 3.29 1.39 32.44
CA PHE B 95 2.13 1.47 33.35
C PHE B 95 2.42 0.79 34.71
N ASP B 96 3.01 -0.42 34.68
CA ASP B 96 3.44 -1.17 35.88
C ASP B 96 4.28 -0.28 36.82
N SER B 97 5.23 0.50 36.25
CA SER B 97 6.12 1.42 36.94
C SER B 97 5.49 2.76 37.37
N CYS B 98 4.19 2.97 37.07
CA CYS B 98 3.47 4.17 37.50
C CYS B 98 2.92 3.90 38.88
N ASN B 99 2.96 4.90 39.77
CA ASN B 99 2.42 4.75 41.12
C ASN B 99 0.89 4.93 41.06
N GLY B 100 0.27 4.13 40.19
CA GLY B 100 -1.17 4.11 39.95
C GLY B 100 -1.82 5.39 39.48
N ASP B 101 -1.01 6.35 39.01
CA ASP B 101 -1.54 7.62 38.56
C ASP B 101 -0.61 8.26 37.54
N LEU B 102 -1.19 8.64 36.39
CA LEU B 102 -0.42 9.27 35.33
C LEU B 102 -0.74 10.75 35.25
N ASP B 103 0.31 11.59 35.24
CA ASP B 103 0.18 13.04 35.12
C ASP B 103 -0.62 13.33 33.82
N PRO B 104 -1.73 14.12 33.91
CA PRO B 104 -2.54 14.43 32.71
C PRO B 104 -1.76 14.92 31.48
N GLU B 105 -0.60 15.57 31.68
CA GLU B 105 0.24 16.05 30.58
C GLU B 105 0.98 14.93 29.88
N ILE B 106 1.30 13.83 30.62
CA ILE B 106 1.99 12.66 30.04
C ILE B 106 0.95 11.92 29.22
N VAL B 107 -0.30 11.85 29.74
CA VAL B 107 -1.46 11.25 29.06
C VAL B 107 -1.66 11.98 27.74
N LYS B 108 -1.64 13.32 27.80
CA LYS B 108 -1.82 14.16 26.63
C LYS B 108 -0.68 13.97 25.63
N SER B 109 0.57 13.95 26.11
CA SER B 109 1.76 13.77 25.28
C SER B 109 1.78 12.40 24.57
N PHE B 110 1.49 11.32 25.29
CA PHE B 110 1.48 9.96 24.72
C PHE B 110 0.36 9.81 23.68
N LEU B 111 -0.83 10.36 23.95
CA LEU B 111 -1.92 10.28 22.96
C LEU B 111 -1.57 11.11 21.71
N PHE B 112 -1.04 12.31 21.90
CA PHE B 112 -0.61 13.19 20.81
C PHE B 112 0.41 12.45 19.91
N GLN B 113 1.43 11.85 20.52
CA GLN B 113 2.46 11.10 19.78
C GLN B 113 1.86 9.87 19.07
N LEU B 114 0.92 9.16 19.73
CA LEU B 114 0.28 8.00 19.10
C LEU B 114 -0.49 8.43 17.84
N LEU B 115 -1.27 9.51 17.97
CA LEU B 115 -2.06 10.04 16.85
C LEU B 115 -1.18 10.58 15.74
N LYS B 116 0.01 11.10 16.07
CA LYS B 116 0.95 11.58 15.04
C LYS B 116 1.48 10.41 14.24
N GLY B 117 1.86 9.33 14.94
CA GLY B 117 2.33 8.10 14.29
C GLY B 117 1.23 7.45 13.45
N LEU B 118 0.01 7.45 13.97
CA LEU B 118 -1.13 6.87 13.23
C LEU B 118 -1.48 7.73 12.03
N GLY B 119 -1.55 9.04 12.21
CA GLY B 119 -1.87 9.97 11.13
C GLY B 119 -0.91 9.84 9.97
N PHE B 120 0.38 9.68 10.27
CA PHE B 120 1.43 9.46 9.26
C PHE B 120 1.15 8.16 8.47
N CYS B 121 0.82 7.04 9.18
CA CYS B 121 0.52 5.75 8.56
C CYS B 121 -0.74 5.84 7.68
N HIS B 122 -1.81 6.40 8.25
CA HIS B 122 -3.12 6.50 7.62
C HIS B 122 -3.05 7.38 6.38
N SER B 123 -2.24 8.46 6.44
CA SER B 123 -2.05 9.36 5.30
C SER B 123 -1.33 8.62 4.16
N ARG B 124 -0.58 7.56 4.47
CA ARG B 124 0.13 6.69 3.50
C ARG B 124 -0.63 5.40 3.22
N ASN B 125 -1.92 5.36 3.58
CA ASN B 125 -2.84 4.25 3.32
C ASN B 125 -2.41 2.95 4.02
N VAL B 126 -1.85 3.07 5.22
CA VAL B 126 -1.45 1.90 5.99
C VAL B 126 -2.27 1.92 7.28
N LEU B 127 -2.95 0.80 7.61
CA LEU B 127 -3.60 0.71 8.92
C LEU B 127 -2.77 -0.32 9.72
N HIS B 128 -2.55 -0.07 11.02
CA HIS B 128 -1.73 -0.94 11.86
C HIS B 128 -2.41 -2.30 12.14
N ARG B 129 -3.69 -2.28 12.56
CA ARG B 129 -4.54 -3.46 12.81
C ARG B 129 -4.22 -4.19 14.10
N ASP B 130 -3.15 -3.84 14.81
CA ASP B 130 -2.78 -4.58 16.03
C ASP B 130 -2.39 -3.65 17.15
N LEU B 131 -3.08 -2.50 17.29
CA LEU B 131 -2.68 -1.56 18.32
C LEU B 131 -3.08 -2.03 19.69
N LYS B 132 -2.11 -2.01 20.61
CA LYS B 132 -2.26 -2.40 22.01
C LYS B 132 -1.03 -1.88 22.78
N PRO B 133 -1.09 -1.72 24.14
CA PRO B 133 0.09 -1.19 24.87
C PRO B 133 1.42 -1.89 24.62
N GLN B 134 1.44 -3.24 24.44
CA GLN B 134 2.67 -3.97 24.15
C GLN B 134 3.32 -3.56 22.78
N ASN B 135 2.54 -2.93 21.87
CA ASN B 135 3.06 -2.50 20.55
C ASN B 135 3.41 -1.03 20.51
N LEU B 136 3.38 -0.38 21.68
CA LEU B 136 3.72 1.03 21.82
C LEU B 136 4.95 1.07 22.68
N LEU B 137 6.03 1.64 22.14
CA LEU B 137 7.33 1.71 22.80
C LEU B 137 7.55 3.07 23.42
N ILE B 138 8.11 3.10 24.66
CA ILE B 138 8.33 4.36 25.37
C ILE B 138 9.79 4.47 25.72
N ASN B 139 10.46 5.54 25.26
CA ASN B 139 11.86 5.71 25.61
C ASN B 139 11.99 6.65 26.83
N ARG B 140 13.17 6.68 27.50
CA ARG B 140 13.34 7.49 28.73
C ARG B 140 13.10 9.01 28.55
N ASN B 141 13.24 9.53 27.33
CA ASN B 141 12.99 10.94 27.01
C ASN B 141 11.48 11.24 26.87
N GLY B 142 10.64 10.24 27.07
CA GLY B 142 9.19 10.39 26.93
C GLY B 142 8.67 10.23 25.51
N GLU B 143 9.51 9.75 24.58
CA GLU B 143 9.09 9.55 23.17
C GLU B 143 8.39 8.20 22.99
N LEU B 144 7.27 8.18 22.23
CA LEU B 144 6.42 7.00 21.98
C LEU B 144 6.57 6.58 20.52
N LYS B 145 6.72 5.27 20.28
CA LYS B 145 6.88 4.69 18.95
C LYS B 145 5.94 3.52 18.73
N LEU B 146 5.27 3.52 17.57
CA LEU B 146 4.39 2.44 17.14
C LEU B 146 5.30 1.33 16.66
N ALA B 147 5.00 0.07 17.03
CA ALA B 147 5.82 -1.06 16.61
C ALA B 147 4.95 -2.21 16.17
N ASP B 148 5.58 -3.24 15.54
CA ASP B 148 4.93 -4.49 15.10
C ASP B 148 3.91 -4.28 13.98
N PHE B 149 4.43 -4.17 12.76
CA PHE B 149 3.63 -3.94 11.55
C PHE B 149 3.39 -5.24 10.76
N GLY B 150 3.52 -6.39 11.44
CA GLY B 150 3.32 -7.73 10.86
C GLY B 150 1.90 -8.07 10.41
N LEU B 151 0.89 -7.36 10.92
CA LEU B 151 -0.50 -7.58 10.50
C LEU B 151 -1.04 -6.34 9.79
N ALA B 152 -0.16 -5.35 9.49
CA ALA B 152 -0.63 -4.09 8.88
C ALA B 152 -1.14 -4.28 7.45
N ARG B 153 -2.15 -3.50 7.04
CA ARG B 153 -2.71 -3.58 5.68
C ARG B 153 -2.41 -2.28 4.93
N ALA B 154 -2.09 -2.38 3.63
CA ALA B 154 -1.85 -1.24 2.76
C ALA B 154 -3.10 -1.13 1.88
N PHE B 155 -3.72 0.06 1.87
CA PHE B 155 -4.97 0.36 1.14
C PHE B 155 -6.14 -0.56 1.59
N GLY B 156 -6.08 -1.09 2.81
CA GLY B 156 -7.11 -1.99 3.34
C GLY B 156 -7.15 -3.36 2.70
N ILE B 157 -6.10 -3.71 1.92
CA ILE B 157 -6.10 -4.99 1.21
C ILE B 157 -5.76 -6.14 2.15
N PRO B 158 -6.61 -7.18 2.30
CA PRO B 158 -6.21 -8.35 3.12
C PRO B 158 -5.09 -9.14 2.42
N VAL B 159 -4.16 -9.76 3.18
CA VAL B 159 -3.09 -10.56 2.53
C VAL B 159 -3.05 -12.01 3.02
N VAL B 166 -5.60 -11.24 13.73
CA VAL B 166 -6.40 -10.15 14.28
C VAL B 166 -5.87 -9.62 15.64
N VAL B 167 -6.13 -8.33 15.94
CA VAL B 167 -5.74 -7.66 17.20
C VAL B 167 -6.33 -8.39 18.41
N THR B 168 -5.59 -8.38 19.53
CA THR B 168 -6.04 -8.96 20.80
C THR B 168 -7.40 -8.38 21.16
N LEU B 169 -8.28 -9.26 21.66
CA LEU B 169 -9.68 -9.01 22.00
C LEU B 169 -10.05 -7.64 22.57
N TRP B 170 -9.30 -7.17 23.59
CA TRP B 170 -9.59 -5.93 24.32
C TRP B 170 -9.60 -4.67 23.49
N TYR B 171 -8.86 -4.67 22.36
CA TYR B 171 -8.71 -3.49 21.51
C TYR B 171 -9.47 -3.62 20.17
N ARG B 172 -10.27 -4.69 20.02
CA ARG B 172 -11.06 -4.94 18.80
C ARG B 172 -12.35 -4.10 18.75
N PRO B 173 -12.64 -3.45 17.59
CA PRO B 173 -13.89 -2.67 17.48
C PRO B 173 -15.12 -3.54 17.28
N PRO B 174 -16.34 -3.01 17.53
CA PRO B 174 -17.57 -3.83 17.37
C PRO B 174 -17.76 -4.40 15.96
N ASP B 175 -17.44 -3.63 14.90
CA ASP B 175 -17.59 -4.18 13.53
C ASP B 175 -16.73 -5.45 13.34
N VAL B 176 -15.49 -5.46 13.81
CA VAL B 176 -14.56 -6.59 13.78
C VAL B 176 -15.04 -7.75 14.67
N LEU B 177 -15.61 -7.43 15.85
CA LEU B 177 -16.18 -8.47 16.73
C LEU B 177 -17.40 -9.08 16.07
N PHE B 178 -18.11 -8.30 15.23
CA PHE B 178 -19.24 -8.78 14.45
C PHE B 178 -18.81 -9.45 13.11
N GLY B 179 -17.53 -9.80 12.99
CA GLY B 179 -16.96 -10.51 11.85
C GLY B 179 -16.61 -9.74 10.59
N ALA B 180 -16.58 -8.37 10.64
CA ALA B 180 -16.22 -7.59 9.44
C ALA B 180 -14.84 -7.99 8.96
N LYS B 181 -14.72 -8.25 7.65
CA LYS B 181 -13.49 -8.72 7.02
C LYS B 181 -12.64 -7.57 6.53
N LEU B 182 -13.28 -6.50 6.10
CA LEU B 182 -12.66 -5.29 5.59
C LEU B 182 -13.01 -4.13 6.48
N TYR B 183 -12.08 -3.20 6.62
CA TYR B 183 -12.24 -1.99 7.42
C TYR B 183 -11.20 -1.02 6.94
N SER B 184 -11.45 0.26 7.17
CA SER B 184 -10.55 1.36 6.87
C SER B 184 -9.65 1.56 8.10
N THR B 185 -8.97 2.71 8.16
CA THR B 185 -8.10 3.15 9.25
C THR B 185 -8.91 3.35 10.54
N SER B 186 -10.27 3.34 10.44
CA SER B 186 -11.19 3.42 11.61
C SER B 186 -10.87 2.35 12.66
N ILE B 187 -10.40 1.17 12.25
CA ILE B 187 -10.00 0.10 13.18
C ILE B 187 -8.99 0.62 14.21
N ASP B 188 -7.97 1.38 13.75
CA ASP B 188 -6.93 1.92 14.62
C ASP B 188 -7.49 3.02 15.53
N MET B 189 -8.48 3.77 15.02
CA MET B 189 -9.04 4.87 15.81
C MET B 189 -9.79 4.33 17.04
N TRP B 190 -10.44 3.18 16.90
CA TRP B 190 -11.11 2.52 18.02
C TRP B 190 -10.06 2.12 19.04
N SER B 191 -8.99 1.42 18.57
CA SER B 191 -7.90 0.99 19.47
C SER B 191 -7.25 2.17 20.19
N ALA B 192 -7.03 3.31 19.48
CA ALA B 192 -6.50 4.53 20.08
C ALA B 192 -7.42 5.06 21.21
N GLY B 193 -8.73 4.98 21.01
CA GLY B 193 -9.73 5.34 22.04
C GLY B 193 -9.59 4.47 23.27
N CYS B 194 -9.40 3.17 23.08
CA CYS B 194 -9.19 2.21 24.19
C CYS B 194 -7.91 2.51 24.93
N ILE B 195 -6.84 2.80 24.19
CA ILE B 195 -5.53 3.14 24.77
C ILE B 195 -5.64 4.48 25.51
N PHE B 196 -6.39 5.44 24.96
CA PHE B 196 -6.59 6.75 25.59
C PHE B 196 -7.22 6.58 27.00
N ALA B 197 -8.26 5.73 27.12
CA ALA B 197 -8.91 5.43 28.41
C ALA B 197 -7.93 4.76 29.37
N GLU B 198 -7.08 3.87 28.84
CA GLU B 198 -6.07 3.15 29.61
C GLU B 198 -5.01 4.11 30.17
N LEU B 199 -4.53 5.05 29.32
CA LEU B 199 -3.57 6.10 29.69
C LEU B 199 -4.12 6.97 30.83
N ALA B 200 -5.38 7.45 30.68
CA ALA B 200 -6.07 8.31 31.64
C ALA B 200 -6.26 7.61 33.00
N ASN B 201 -6.39 6.26 32.99
CA ASN B 201 -6.56 5.44 34.19
C ASN B 201 -5.28 4.70 34.56
N ALA B 202 -4.13 5.22 34.09
CA ALA B 202 -2.78 4.72 34.30
C ALA B 202 -2.61 3.16 34.22
N GLY B 203 -3.15 2.57 33.16
CA GLY B 203 -3.01 1.15 32.90
C GLY B 203 -4.20 0.24 33.02
N ARG B 204 -5.36 0.77 33.46
CA ARG B 204 -6.55 -0.06 33.60
C ARG B 204 -7.22 -0.22 32.24
N PRO B 205 -7.36 -1.47 31.73
CA PRO B 205 -8.01 -1.67 30.41
C PRO B 205 -9.48 -1.32 30.48
N LEU B 206 -9.99 -0.65 29.43
CA LEU B 206 -11.36 -0.21 29.37
C LEU B 206 -12.37 -1.35 29.14
N PHE B 207 -12.07 -2.28 28.21
CA PHE B 207 -13.02 -3.35 27.89
C PHE B 207 -12.32 -4.69 27.96
N PRO B 208 -12.05 -5.21 29.18
CA PRO B 208 -11.28 -6.46 29.27
C PRO B 208 -12.20 -7.68 29.24
N GLY B 209 -12.71 -7.97 28.04
CA GLY B 209 -13.62 -9.08 27.79
C GLY B 209 -12.96 -10.44 27.86
N ASN B 210 -13.74 -11.47 28.22
CA ASN B 210 -13.26 -12.86 28.31
C ASN B 210 -13.35 -13.60 26.99
N ASP B 211 -14.30 -13.19 26.14
CA ASP B 211 -14.56 -13.75 24.82
C ASP B 211 -15.31 -12.71 23.95
N VAL B 212 -15.55 -13.01 22.65
CA VAL B 212 -16.23 -12.11 21.71
C VAL B 212 -17.57 -11.61 22.25
N ASP B 213 -18.44 -12.51 22.74
CA ASP B 213 -19.75 -12.16 23.30
C ASP B 213 -19.63 -11.20 24.49
N ASP B 214 -18.74 -11.54 25.43
CA ASP B 214 -18.48 -10.71 26.60
C ASP B 214 -17.87 -9.34 26.23
N GLN B 215 -16.94 -9.33 25.23
CA GLN B 215 -16.32 -8.11 24.72
C GLN B 215 -17.40 -7.16 24.18
N LEU B 216 -18.36 -7.67 23.37
CA LEU B 216 -19.46 -6.85 22.83
C LEU B 216 -20.40 -6.37 23.93
N LYS B 217 -20.66 -7.23 24.94
CA LYS B 217 -21.51 -6.84 26.07
C LYS B 217 -20.89 -5.67 26.83
N ARG B 218 -19.58 -5.74 27.12
CA ARG B 218 -18.88 -4.67 27.84
C ARG B 218 -18.92 -3.34 27.08
N ILE B 219 -18.69 -3.38 25.75
CA ILE B 219 -18.75 -2.19 24.91
C ILE B 219 -20.16 -1.58 24.88
N PHE B 220 -21.18 -2.41 24.60
CA PHE B 220 -22.56 -1.95 24.51
C PHE B 220 -23.16 -1.52 25.86
N ARG B 221 -22.67 -2.09 26.98
CA ARG B 221 -23.13 -1.72 28.32
C ARG B 221 -22.61 -0.33 28.70
N LEU B 222 -21.46 0.07 28.12
CA LEU B 222 -20.92 1.41 28.37
C LEU B 222 -21.49 2.44 27.40
N LEU B 223 -21.33 2.21 26.09
CA LEU B 223 -21.72 3.14 25.05
C LEU B 223 -23.15 3.06 24.58
N GLY B 224 -23.82 1.95 24.90
CA GLY B 224 -25.18 1.74 24.43
C GLY B 224 -25.20 0.91 23.16
N THR B 225 -26.18 -0.01 23.04
CA THR B 225 -26.30 -0.84 21.83
C THR B 225 -26.67 0.10 20.68
N PRO B 226 -25.86 0.10 19.59
CA PRO B 226 -26.16 1.00 18.46
C PRO B 226 -27.54 0.72 17.89
N THR B 227 -28.29 1.79 17.59
CA THR B 227 -29.63 1.64 17.02
C THR B 227 -29.51 1.52 15.48
N GLU B 228 -30.61 1.13 14.83
CA GLU B 228 -30.74 1.02 13.38
C GLU B 228 -30.47 2.39 12.73
N GLU B 229 -30.77 3.50 13.42
CA GLU B 229 -30.53 4.87 12.97
C GLU B 229 -29.03 5.17 12.97
N GLN B 230 -28.35 4.81 14.08
CA GLN B 230 -26.92 5.06 14.29
C GLN B 230 -26.01 4.21 13.40
N TRP B 231 -26.43 2.97 13.12
CA TRP B 231 -25.65 2.00 12.36
C TRP B 231 -26.54 1.07 11.51
N PRO B 232 -27.12 1.57 10.40
CA PRO B 232 -27.99 0.72 9.55
C PRO B 232 -27.44 -0.62 9.09
N SER B 233 -26.15 -0.66 8.71
CA SER B 233 -25.52 -1.87 8.17
C SER B 233 -25.09 -2.91 9.23
N MET B 234 -25.21 -2.57 10.53
CA MET B 234 -24.82 -3.44 11.65
C MET B 234 -25.40 -4.86 11.56
N THR B 235 -26.69 -4.97 11.20
CA THR B 235 -27.40 -6.25 11.08
C THR B 235 -26.91 -7.16 9.95
N LYS B 236 -26.21 -6.58 8.95
CA LYS B 236 -25.69 -7.32 7.79
C LYS B 236 -24.31 -7.92 8.04
N LEU B 237 -23.66 -7.54 9.16
CA LEU B 237 -22.32 -8.02 9.48
C LEU B 237 -22.27 -9.55 9.62
N PRO B 238 -21.17 -10.21 9.19
CA PRO B 238 -21.13 -11.69 9.17
C PRO B 238 -21.53 -12.42 10.45
N ASP B 239 -21.00 -11.99 11.60
CA ASP B 239 -21.28 -12.64 12.88
C ASP B 239 -22.19 -11.79 13.77
N TYR B 240 -23.11 -11.02 13.14
CA TYR B 240 -24.06 -10.18 13.87
C TYR B 240 -25.02 -11.03 14.71
N LYS B 241 -25.28 -10.55 15.94
CA LYS B 241 -26.20 -11.16 16.90
C LYS B 241 -27.04 -10.04 17.51
N PRO B 242 -28.38 -10.21 17.68
CA PRO B 242 -29.16 -9.13 18.33
C PRO B 242 -28.87 -9.16 19.83
N TYR B 243 -28.43 -8.01 20.36
CA TYR B 243 -28.11 -7.82 21.77
C TYR B 243 -29.23 -7.03 22.42
N PRO B 244 -29.37 -7.05 23.76
CA PRO B 244 -30.38 -6.19 24.40
C PRO B 244 -30.04 -4.72 24.13
N MET B 245 -31.04 -3.85 24.04
CA MET B 245 -30.82 -2.44 23.78
C MET B 245 -30.32 -1.69 25.03
N TYR B 246 -29.12 -2.05 25.52
CA TYR B 246 -28.48 -1.40 26.66
C TYR B 246 -28.45 0.09 26.38
N PRO B 247 -28.88 0.94 27.34
CA PRO B 247 -28.85 2.38 27.08
C PRO B 247 -27.43 2.96 27.12
N ALA B 248 -27.23 4.10 26.47
CA ALA B 248 -25.97 4.80 26.46
C ALA B 248 -25.78 5.54 27.78
N THR B 249 -24.53 5.67 28.22
CA THR B 249 -24.12 6.42 29.41
C THR B 249 -23.77 7.82 28.88
N THR B 250 -24.51 8.87 29.32
CA THR B 250 -24.31 10.27 28.87
C THR B 250 -22.86 10.76 29.06
N SER B 251 -22.30 10.54 30.26
CA SER B 251 -20.95 10.94 30.60
C SER B 251 -20.03 9.76 30.88
N LEU B 252 -18.80 9.83 30.35
CA LEU B 252 -17.79 8.80 30.58
C LEU B 252 -16.99 9.09 31.85
N VAL B 253 -17.39 10.12 32.65
CA VAL B 253 -16.73 10.52 33.90
C VAL B 253 -16.48 9.33 34.84
N ASN B 254 -17.44 8.40 34.94
CA ASN B 254 -17.33 7.19 35.77
C ASN B 254 -16.18 6.28 35.37
N VAL B 255 -15.92 6.15 34.04
CA VAL B 255 -14.85 5.28 33.57
C VAL B 255 -13.52 5.98 33.47
N VAL B 256 -13.52 7.31 33.23
CA VAL B 256 -12.27 8.08 33.13
C VAL B 256 -12.32 9.28 34.07
N PRO B 257 -12.20 9.05 35.41
CA PRO B 257 -12.34 10.17 36.37
C PRO B 257 -11.25 11.23 36.35
N LYS B 258 -10.04 10.91 35.85
CA LYS B 258 -8.91 11.84 35.79
C LYS B 258 -8.83 12.59 34.46
N LEU B 259 -9.82 12.40 33.59
CA LEU B 259 -9.87 13.06 32.29
C LEU B 259 -10.88 14.23 32.27
N ASN B 260 -10.43 15.42 31.84
CA ASN B 260 -11.24 16.66 31.75
C ASN B 260 -12.35 16.55 30.69
N ALA B 261 -13.27 17.55 30.62
CA ALA B 261 -14.38 17.57 29.67
C ALA B 261 -13.95 17.49 28.21
N THR B 262 -12.86 18.18 27.83
CA THR B 262 -12.37 18.15 26.45
C THR B 262 -11.84 16.76 26.11
N GLY B 263 -11.13 16.16 27.06
CA GLY B 263 -10.56 14.84 26.92
C GLY B 263 -11.62 13.79 26.70
N ARG B 264 -12.70 13.85 27.51
CA ARG B 264 -13.84 12.93 27.44
C ARG B 264 -14.58 13.08 26.12
N ASP B 265 -14.69 14.31 25.61
CA ASP B 265 -15.35 14.55 24.32
C ASP B 265 -14.53 13.89 23.18
N LEU B 266 -13.20 13.99 23.23
CA LEU B 266 -12.35 13.34 22.23
C LEU B 266 -12.48 11.81 22.36
N LEU B 267 -12.46 11.30 23.61
CA LEU B 267 -12.61 9.86 23.85
C LEU B 267 -13.89 9.32 23.25
N GLN B 268 -15.01 10.04 23.44
CA GLN B 268 -16.32 9.69 22.92
C GLN B 268 -16.33 9.65 21.36
N ASN B 269 -15.58 10.57 20.74
CA ASN B 269 -15.47 10.67 19.28
C ASN B 269 -14.60 9.58 18.66
N LEU B 270 -13.67 9.02 19.44
CA LEU B 270 -12.82 7.89 19.02
C LEU B 270 -13.61 6.60 19.18
N LEU B 271 -14.40 6.50 20.28
CA LEU B 271 -15.18 5.29 20.60
C LEU B 271 -16.61 5.29 20.08
N LYS B 272 -16.77 5.48 18.76
CA LYS B 272 -18.07 5.34 18.12
C LYS B 272 -18.13 3.90 17.63
N CYS B 273 -19.22 3.19 17.96
CA CYS B 273 -19.37 1.80 17.53
C CYS B 273 -19.37 1.66 16.01
N ASN B 274 -20.12 2.55 15.33
CA ASN B 274 -20.19 2.58 13.87
C ASN B 274 -18.82 3.06 13.34
N PRO B 275 -18.06 2.21 12.59
CA PRO B 275 -16.72 2.65 12.15
C PRO B 275 -16.66 3.98 11.39
N VAL B 276 -17.69 4.29 10.59
CA VAL B 276 -17.73 5.53 9.80
C VAL B 276 -17.81 6.79 10.65
N GLN B 277 -18.33 6.65 11.88
CA GLN B 277 -18.51 7.78 12.78
C GLN B 277 -17.26 8.12 13.59
N ARG B 278 -16.24 7.23 13.64
CA ARG B 278 -15.01 7.50 14.41
C ARG B 278 -14.22 8.62 13.81
N ILE B 279 -13.72 9.50 14.66
CA ILE B 279 -12.90 10.65 14.25
C ILE B 279 -11.60 10.11 13.62
N SER B 280 -11.02 10.83 12.68
CA SER B 280 -9.76 10.42 12.06
C SER B 280 -8.61 10.88 12.96
N ALA B 281 -7.39 10.35 12.76
CA ALA B 281 -6.22 10.79 13.54
C ALA B 281 -5.93 12.28 13.30
N GLU B 282 -6.04 12.75 12.05
CA GLU B 282 -5.82 14.15 11.66
C GLU B 282 -6.81 15.06 12.40
N GLU B 283 -8.11 14.70 12.43
CA GLU B 283 -9.14 15.49 13.13
C GLU B 283 -8.91 15.43 14.64
N ALA B 284 -8.51 14.24 15.17
CA ALA B 284 -8.26 14.11 16.62
C ALA B 284 -7.18 15.05 17.09
N LEU B 285 -6.13 15.28 16.26
CA LEU B 285 -5.04 16.20 16.59
C LEU B 285 -5.42 17.66 16.62
N GLN B 286 -6.56 17.97 16.02
CA GLN B 286 -7.12 19.31 15.93
C GLN B 286 -8.17 19.56 17.00
N HIS B 287 -8.50 18.52 17.80
CA HIS B 287 -9.51 18.61 18.85
C HIS B 287 -9.11 19.60 19.98
N PRO B 288 -10.07 20.37 20.55
CA PRO B 288 -9.73 21.29 21.66
C PRO B 288 -8.89 20.69 22.78
N TYR B 289 -8.99 19.36 23.04
CA TYR B 289 -8.17 18.66 24.04
C TYR B 289 -6.68 18.99 23.87
N PHE B 290 -6.19 19.18 22.62
CA PHE B 290 -4.78 19.52 22.37
C PHE B 290 -4.52 21.02 22.12
N SER B 291 -5.51 21.92 22.37
CA SER B 291 -5.36 23.38 22.16
C SER B 291 -4.10 23.89 22.86
N ASP B 292 -4.05 23.64 24.18
CA ASP B 292 -2.98 23.97 25.13
C ASP B 292 -1.62 23.38 24.74
N PHE B 293 -1.64 22.13 24.20
CA PHE B 293 -0.46 21.38 23.80
C PHE B 293 0.28 22.00 22.63
#